data_4QYG
#
_entry.id   4QYG
#
_cell.length_a   45.107
_cell.length_b   65.987
_cell.length_c   115.980
_cell.angle_alpha   90.00
_cell.angle_beta   94.61
_cell.angle_gamma   90.00
#
_symmetry.space_group_name_H-M   'P 1 21 1'
#
loop_
_entity.id
_entity.type
_entity.pdbx_description
1 polymer 'Serine/threonine-protein kinase Chk1'
2 non-polymer "3-[4-(4-methylpiperazin-1-yl)phenyl]-9H-pyrrolo[2,3-b:5,4-c']dipyridine-6-carboxylic acid"
3 water water
#
_entity_poly.entity_id   1
_entity_poly.type   'polypeptide(L)'
_entity_poly.pdbx_seq_one_letter_code
;MAVPFVEDWDLVQTLGEGAYGEVQLAVNRVTEEAVAVKIVDMKRAVDCPENIKKEICINKMLNHENVVKFYGHRREGNIQ
YLFLEYCSGGELFDRIEPDIGMPEPDAQRFFHQLMAGVVYLHGIGITHRDIKPENLLLDERDNLKISDFGLATVFRYNNR
ERLLNKMCGTLPYVAPELLKRREFHAEPVDVWSCGIVLTAMLAGELPWDQPSDSCQEYSDWKEKKTYLNPWKKIDSAPLA
LLHKILVENPSARITIPDIKKDRWYNKPLKKGAKRPRVTSGGVSESPSGGHHHHHHHH
;
_entity_poly.pdbx_strand_id   A,B
#
loop_
_chem_comp.id
_chem_comp.type
_chem_comp.name
_chem_comp.formula
3DW non-polymer '3-[4-(4-methylpiperazin-1-yl)phenyl]-9H-pyrrolo[2,3-b:5,4-c']dipyridine-6-carboxylic acid' 'C22 H21 N5 O2'
#
# COMPACT_ATOMS: atom_id res chain seq x y z
N VAL A 3 -9.67 -1.74 -29.23
CA VAL A 3 -9.40 -1.58 -27.77
C VAL A 3 -7.92 -1.88 -27.48
N PRO A 4 -7.01 -0.92 -27.75
CA PRO A 4 -5.59 -1.17 -27.51
C PRO A 4 -5.20 -0.96 -26.05
N PHE A 5 -3.91 -1.13 -25.76
CA PHE A 5 -3.35 -0.88 -24.42
C PHE A 5 -3.98 -1.82 -23.37
N VAL A 6 -4.21 -3.05 -23.80
CA VAL A 6 -4.86 -4.08 -22.97
C VAL A 6 -3.86 -4.82 -22.07
N GLU A 7 -2.58 -4.50 -22.20
CA GLU A 7 -1.53 -5.12 -21.40
C GLU A 7 -0.66 -4.08 -20.68
N ASP A 8 -1.30 -3.09 -20.07
CA ASP A 8 -0.64 -2.07 -19.26
C ASP A 8 -1.23 -2.08 -17.84
N TRP A 9 -0.43 -2.48 -16.85
CA TRP A 9 -0.93 -2.74 -15.50
C TRP A 9 -0.39 -1.76 -14.45
N ASP A 10 -1.22 -1.50 -13.43
CA ASP A 10 -0.84 -0.66 -12.28
C ASP A 10 -0.94 -1.48 -10.99
N LEU A 11 0.17 -1.65 -10.29
CA LEU A 11 0.19 -2.41 -9.03
C LEU A 11 -0.57 -1.69 -7.92
N VAL A 12 -1.06 -2.44 -6.94
CA VAL A 12 -1.84 -1.86 -5.82
C VAL A 12 -1.63 -2.51 -4.45
N GLN A 13 -1.54 -3.84 -4.40
CA GLN A 13 -1.50 -4.56 -3.12
C GLN A 13 -0.67 -5.84 -3.18
N THR A 14 0.00 -6.14 -2.06
CA THR A 14 0.77 -7.38 -1.92
C THR A 14 -0.18 -8.51 -1.47
N LEU A 15 -0.44 -9.44 -2.38
CA LEU A 15 -1.40 -10.52 -2.12
C LEU A 15 -0.77 -11.67 -1.33
N GLY A 16 0.53 -11.91 -1.51
CA GLY A 16 1.23 -12.93 -0.74
C GLY A 16 2.66 -13.14 -1.17
N GLU A 17 3.34 -14.05 -0.47
CA GLU A 17 4.74 -14.37 -0.75
C GLU A 17 4.97 -15.88 -0.83
N GLY A 18 5.54 -16.32 -1.95
CA GLY A 18 5.84 -17.73 -2.18
C GLY A 18 7.33 -18.01 -2.02
N ALA A 19 7.71 -19.26 -2.27
CA ALA A 19 9.11 -19.68 -2.17
C ALA A 19 10.02 -18.92 -3.12
N TYR A 20 9.52 -18.61 -4.31
CA TYR A 20 10.31 -17.95 -5.35
C TYR A 20 10.23 -16.42 -5.31
N GLY A 21 9.04 -15.90 -5.02
CA GLY A 21 8.84 -14.45 -4.98
C GLY A 21 7.54 -14.01 -4.34
N GLU A 22 7.07 -12.82 -4.73
CA GLU A 22 5.85 -12.24 -4.19
C GLU A 22 4.78 -12.11 -5.27
N VAL A 23 3.52 -12.11 -4.84
CA VAL A 23 2.38 -11.92 -5.74
C VAL A 23 1.69 -10.60 -5.42
N GLN A 24 1.49 -9.79 -6.46
CA GLN A 24 0.87 -8.47 -6.32
C GLN A 24 -0.39 -8.41 -7.19
N LEU A 25 -1.35 -7.60 -6.77
CA LEU A 25 -2.52 -7.29 -7.60
C LEU A 25 -2.13 -6.19 -8.58
N ALA A 26 -2.50 -6.37 -9.84
CA ALA A 26 -2.23 -5.38 -10.89
C ALA A 26 -3.51 -5.07 -11.65
N VAL A 27 -3.76 -3.78 -11.90
CA VAL A 27 -4.99 -3.32 -12.55
C VAL A 27 -4.68 -2.78 -13.96
N ASN A 28 -5.45 -3.22 -14.94
CA ASN A 28 -5.23 -2.87 -16.35
C ASN A 28 -5.44 -1.38 -16.62
N ARG A 29 -5.09 -0.95 -17.83
CA ARG A 29 -5.31 0.43 -18.24
C ARG A 29 -6.71 0.57 -18.87
N VAL A 30 -6.84 0.37 -20.18
CA VAL A 30 -8.09 0.67 -20.89
C VAL A 30 -9.24 -0.27 -20.50
N THR A 31 -8.97 -1.58 -20.48
CA THR A 31 -10.01 -2.59 -20.21
C THR A 31 -10.37 -2.71 -18.73
N GLU A 32 -9.54 -2.16 -17.84
CA GLU A 32 -9.80 -2.14 -16.39
C GLU A 32 -9.85 -3.53 -15.74
N GLU A 33 -9.17 -4.50 -16.37
CA GLU A 33 -9.03 -5.86 -15.84
C GLU A 33 -8.09 -5.89 -14.63
N ALA A 34 -8.41 -6.73 -13.65
CA ALA A 34 -7.52 -6.97 -12.51
C ALA A 34 -6.83 -8.31 -12.69
N VAL A 35 -5.53 -8.36 -12.41
CA VAL A 35 -4.75 -9.59 -12.53
C VAL A 35 -3.76 -9.76 -11.39
N ALA A 36 -3.42 -11.01 -11.10
CA ALA A 36 -2.39 -11.35 -10.13
C ALA A 36 -1.07 -11.53 -10.87
N VAL A 37 -0.03 -10.86 -10.39
CA VAL A 37 1.28 -10.94 -11.02
C VAL A 37 2.29 -11.48 -10.00
N LYS A 38 2.95 -12.57 -10.36
CA LYS A 38 4.00 -13.14 -9.53
C LYS A 38 5.33 -12.56 -9.97
N ILE A 39 6.07 -11.98 -9.03
CA ILE A 39 7.34 -11.34 -9.33
C ILE A 39 8.46 -12.07 -8.61
N VAL A 40 9.31 -12.77 -9.36
CA VAL A 40 10.44 -13.48 -8.75
C VAL A 40 11.76 -12.92 -9.28
N ASP A 41 12.65 -12.57 -8.35
CA ASP A 41 13.99 -12.13 -8.71
C ASP A 41 14.85 -13.38 -8.86
N MET A 42 15.22 -13.69 -10.10
CA MET A 42 15.97 -14.90 -10.40
C MET A 42 17.41 -14.81 -9.92
N LYS A 43 17.91 -13.58 -9.76
CA LYS A 43 19.20 -13.35 -9.08
C LYS A 43 18.98 -13.25 -7.58
N ASN A 51 13.54 -23.49 -11.92
CA ASN A 51 12.35 -23.70 -11.11
C ASN A 51 11.12 -22.93 -11.60
N ILE A 52 11.25 -21.61 -11.74
CA ILE A 52 10.13 -20.82 -12.29
C ILE A 52 9.90 -21.15 -13.76
N LYS A 53 10.97 -21.54 -14.46
CA LYS A 53 10.85 -21.99 -15.84
C LYS A 53 9.90 -23.19 -15.92
N LYS A 54 10.15 -24.20 -15.09
CA LYS A 54 9.27 -25.36 -14.99
C LYS A 54 7.85 -24.97 -14.55
N GLU A 55 7.74 -24.07 -13.58
CA GLU A 55 6.44 -23.59 -13.12
C GLU A 55 5.65 -23.00 -14.29
N ILE A 56 6.32 -22.20 -15.13
CA ILE A 56 5.65 -21.61 -16.29
C ILE A 56 5.20 -22.70 -17.28
N CYS A 57 6.06 -23.68 -17.55
CA CYS A 57 5.76 -24.77 -18.49
C CYS A 57 4.53 -25.57 -18.07
N ILE A 58 4.47 -25.91 -16.78
CA ILE A 58 3.30 -26.62 -16.26
C ILE A 58 2.05 -25.75 -16.39
N ASN A 59 2.13 -24.48 -15.98
CA ASN A 59 1.00 -23.55 -16.09
C ASN A 59 0.43 -23.48 -17.51
N LYS A 60 1.29 -23.57 -18.53
CA LYS A 60 0.84 -23.55 -19.92
C LYS A 60 0.01 -24.76 -20.34
N MET A 61 0.12 -25.87 -19.59
CA MET A 61 -0.67 -27.06 -19.86
C MET A 61 -2.10 -26.97 -19.32
N LEU A 62 -2.36 -26.06 -18.39
CA LEU A 62 -3.56 -26.11 -17.57
C LEU A 62 -4.69 -25.25 -18.13
N ASN A 63 -5.88 -25.84 -18.19
CA ASN A 63 -7.10 -25.13 -18.54
C ASN A 63 -8.29 -25.83 -17.90
N HIS A 64 -8.71 -25.36 -16.73
CA HIS A 64 -9.84 -25.96 -16.00
C HIS A 64 -10.45 -24.94 -15.03
N GLU A 65 -11.77 -25.03 -14.86
CA GLU A 65 -12.53 -24.10 -14.02
C GLU A 65 -12.10 -24.06 -12.54
N ASN A 66 -11.47 -25.13 -12.06
CA ASN A 66 -10.95 -25.17 -10.69
C ASN A 66 -9.41 -25.10 -10.58
N VAL A 67 -8.79 -24.50 -11.60
CA VAL A 67 -7.35 -24.21 -11.60
C VAL A 67 -7.16 -22.73 -11.94
N VAL A 68 -6.30 -22.03 -11.19
CA VAL A 68 -6.12 -20.59 -11.44
C VAL A 68 -5.51 -20.41 -12.84
N LYS A 69 -6.10 -19.51 -13.62
CA LYS A 69 -5.73 -19.34 -15.03
C LYS A 69 -4.38 -18.64 -15.19
N PHE A 70 -3.59 -19.13 -16.14
CA PHE A 70 -2.32 -18.53 -16.51
C PHE A 70 -2.54 -17.68 -17.76
N TYR A 71 -2.07 -16.44 -17.73
CA TYR A 71 -2.23 -15.56 -18.87
C TYR A 71 -0.93 -15.46 -19.66
N GLY A 72 0.18 -15.23 -18.98
CA GLY A 72 1.46 -15.23 -19.66
C GLY A 72 2.64 -14.90 -18.78
N HIS A 73 3.78 -14.71 -19.42
CA HIS A 73 5.04 -14.44 -18.74
C HIS A 73 5.85 -13.43 -19.54
N ARG A 74 6.75 -12.72 -18.85
CA ARG A 74 7.63 -11.76 -19.48
C ARG A 74 8.77 -11.44 -18.53
N ARG A 75 10.01 -11.63 -18.98
CA ARG A 75 11.17 -11.39 -18.13
C ARG A 75 11.80 -10.03 -18.44
N GLU A 76 12.57 -9.52 -17.48
CA GLU A 76 13.32 -8.28 -17.64
C GLU A 76 14.72 -8.44 -17.03
N GLY A 77 15.55 -9.20 -17.73
CA GLY A 77 16.90 -9.52 -17.27
C GLY A 77 16.90 -10.53 -16.13
N ASN A 78 16.66 -10.04 -14.91
CA ASN A 78 16.70 -10.86 -13.69
C ASN A 78 15.33 -11.13 -13.07
N ILE A 79 14.34 -10.30 -13.38
CA ILE A 79 13.01 -10.39 -12.75
C ILE A 79 11.97 -11.00 -13.70
N GLN A 80 11.48 -12.19 -13.34
CA GLN A 80 10.44 -12.87 -14.11
C GLN A 80 9.06 -12.50 -13.61
N TYR A 81 8.17 -12.18 -14.55
CA TYR A 81 6.78 -11.87 -14.25
C TYR A 81 5.89 -12.99 -14.77
N LEU A 82 5.00 -13.49 -13.92
CA LEU A 82 3.93 -14.40 -14.35
C LEU A 82 2.60 -13.67 -14.19
N PHE A 83 1.77 -13.72 -15.23
CA PHE A 83 0.46 -13.07 -15.20
C PHE A 83 -0.63 -14.13 -14.99
N LEU A 84 -1.39 -13.97 -13.92
CA LEU A 84 -2.36 -14.97 -13.50
C LEU A 84 -3.69 -14.36 -13.08
N GLU A 85 -4.75 -15.15 -13.19
CA GLU A 85 -6.09 -14.77 -12.75
C GLU A 85 -6.14 -14.32 -11.30
N TYR A 86 -6.72 -13.14 -11.06
CA TYR A 86 -6.92 -12.60 -9.72
C TYR A 86 -8.17 -13.20 -9.09
N CYS A 87 -8.01 -13.82 -7.93
CA CYS A 87 -9.11 -14.45 -7.22
C CYS A 87 -9.48 -13.56 -6.03
N SER A 88 -10.53 -12.77 -6.20
CA SER A 88 -10.89 -11.73 -5.23
C SER A 88 -11.38 -12.26 -3.88
N GLY A 89 -11.76 -13.55 -3.83
CA GLY A 89 -12.13 -14.18 -2.57
C GLY A 89 -10.95 -14.56 -1.68
N GLY A 90 -9.74 -14.51 -2.22
CA GLY A 90 -8.53 -14.77 -1.43
C GLY A 90 -8.33 -16.27 -1.20
N GLU A 91 -7.67 -16.62 -0.10
CA GLU A 91 -7.31 -18.01 0.18
C GLU A 91 -8.38 -18.68 1.02
N LEU A 92 -8.62 -19.97 0.73
CA LEU A 92 -9.44 -20.82 1.57
C LEU A 92 -9.02 -20.78 3.02
N PHE A 93 -7.72 -20.63 3.25
CA PHE A 93 -7.15 -20.51 4.58
C PHE A 93 -7.93 -19.50 5.45
N ASP A 94 -8.31 -18.38 4.86
CA ASP A 94 -8.97 -17.32 5.62
C ASP A 94 -10.48 -17.54 5.82
N ARG A 95 -11.02 -18.61 5.24
CA ARG A 95 -12.41 -19.03 5.48
C ARG A 95 -12.52 -20.09 6.57
N ILE A 96 -11.38 -20.53 7.09
CA ILE A 96 -11.36 -21.55 8.12
C ILE A 96 -11.20 -20.85 9.47
N GLU A 97 -12.22 -20.95 10.31
CA GLU A 97 -12.20 -20.29 11.63
C GLU A 97 -11.43 -21.14 12.62
N PRO A 98 -10.38 -20.57 13.23
CA PRO A 98 -9.60 -21.40 14.17
C PRO A 98 -10.47 -22.11 15.21
N ASP A 99 -10.19 -23.40 15.38
CA ASP A 99 -10.87 -24.30 16.31
C ASP A 99 -12.34 -24.62 16.00
N ILE A 100 -12.86 -24.11 14.88
CA ILE A 100 -14.25 -24.25 14.49
C ILE A 100 -14.36 -24.85 13.08
N GLY A 101 -13.64 -24.27 12.14
CA GLY A 101 -13.74 -24.67 10.75
C GLY A 101 -14.72 -23.79 9.99
N MET A 102 -15.73 -24.43 9.40
CA MET A 102 -16.77 -23.74 8.63
C MET A 102 -17.99 -24.65 8.56
N PRO A 103 -19.15 -24.12 8.12
CA PRO A 103 -20.33 -24.96 8.00
C PRO A 103 -20.08 -26.14 7.05
N GLU A 104 -20.54 -27.33 7.47
CA GLU A 104 -20.33 -28.57 6.73
C GLU A 104 -20.78 -28.46 5.25
N PRO A 105 -21.94 -27.84 4.99
CA PRO A 105 -22.30 -27.66 3.55
C PRO A 105 -21.30 -26.83 2.74
N ASP A 106 -20.68 -25.82 3.35
CA ASP A 106 -19.63 -25.04 2.68
C ASP A 106 -18.38 -25.91 2.42
N ALA A 107 -17.98 -26.66 3.44
CA ALA A 107 -16.82 -27.57 3.32
C ALA A 107 -17.04 -28.61 2.22
N GLN A 108 -18.24 -29.17 2.18
CA GLN A 108 -18.58 -30.18 1.17
C GLN A 108 -18.45 -29.58 -0.23
N ARG A 109 -18.98 -28.37 -0.44
CA ARG A 109 -18.91 -27.73 -1.76
C ARG A 109 -17.46 -27.46 -2.19
N PHE A 110 -16.65 -26.91 -1.28
CA PHE A 110 -15.25 -26.68 -1.56
C PHE A 110 -14.53 -28.00 -1.86
N PHE A 111 -14.87 -29.07 -1.14
CA PHE A 111 -14.24 -30.38 -1.34
C PHE A 111 -14.63 -30.96 -2.72
N HIS A 112 -15.90 -30.83 -3.12
CA HIS A 112 -16.33 -31.19 -4.48
C HIS A 112 -15.47 -30.49 -5.54
N GLN A 113 -15.24 -29.20 -5.37
CA GLN A 113 -14.49 -28.39 -6.34
C GLN A 113 -13.00 -28.74 -6.32
N LEU A 114 -12.47 -28.97 -5.13
CA LEU A 114 -11.10 -29.47 -4.98
C LEU A 114 -10.91 -30.77 -5.74
N MET A 115 -11.81 -31.73 -5.55
CA MET A 115 -11.71 -33.00 -6.26
C MET A 115 -11.76 -32.79 -7.77
N ALA A 116 -12.64 -31.91 -8.22
CA ALA A 116 -12.74 -31.62 -9.66
C ALA A 116 -11.40 -31.15 -10.22
N GLY A 117 -10.75 -30.24 -9.50
CA GLY A 117 -9.46 -29.70 -9.90
C GLY A 117 -8.35 -30.74 -9.89
N VAL A 118 -8.32 -31.57 -8.84
CA VAL A 118 -7.28 -32.60 -8.71
C VAL A 118 -7.47 -33.71 -9.76
N VAL A 119 -8.71 -34.13 -10.00
CA VAL A 119 -9.00 -35.09 -11.08
C VAL A 119 -8.47 -34.55 -12.41
N TYR A 120 -8.74 -33.29 -12.68
CA TYR A 120 -8.25 -32.66 -13.90
C TYR A 120 -6.72 -32.76 -14.02
N LEU A 121 -6.01 -32.35 -12.97
CA LEU A 121 -4.55 -32.37 -12.96
C LEU A 121 -4.00 -33.77 -13.16
N HIS A 122 -4.50 -34.71 -12.37
CA HIS A 122 -4.07 -36.09 -12.47
C HIS A 122 -4.35 -36.68 -13.86
N GLY A 123 -5.47 -36.30 -14.46
CA GLY A 123 -5.84 -36.75 -15.80
C GLY A 123 -4.86 -36.33 -16.87
N ILE A 124 -4.21 -35.17 -16.70
CA ILE A 124 -3.16 -34.74 -17.62
C ILE A 124 -1.73 -35.05 -17.13
N GLY A 125 -1.61 -35.92 -16.12
CA GLY A 125 -0.33 -36.43 -15.66
C GLY A 125 0.46 -35.48 -14.78
N ILE A 126 -0.21 -34.49 -14.19
CA ILE A 126 0.41 -33.53 -13.30
C ILE A 126 -0.01 -33.78 -11.86
N THR A 127 0.99 -33.74 -10.97
CA THR A 127 0.73 -33.72 -9.52
C THR A 127 1.14 -32.36 -8.94
N HIS A 128 0.30 -31.81 -8.06
CA HIS A 128 0.56 -30.49 -7.46
C HIS A 128 1.65 -30.53 -6.39
N ARG A 129 1.55 -31.51 -5.49
CA ARG A 129 2.56 -31.79 -4.46
C ARG A 129 2.57 -30.84 -3.25
N ASP A 130 1.66 -29.88 -3.20
CA ASP A 130 1.59 -28.95 -2.09
C ASP A 130 0.19 -28.42 -1.86
N ILE A 131 -0.79 -29.31 -1.88
CA ILE A 131 -2.16 -28.88 -1.68
C ILE A 131 -2.36 -28.52 -0.20
N LYS A 132 -2.86 -27.30 0.03
CA LYS A 132 -3.14 -26.81 1.37
C LYS A 132 -4.01 -25.57 1.20
N PRO A 133 -4.70 -25.12 2.28
CA PRO A 133 -5.65 -24.01 2.14
C PRO A 133 -5.04 -22.68 1.66
N GLU A 134 -3.74 -22.51 1.93
CA GLU A 134 -3.01 -21.33 1.47
C GLU A 134 -2.82 -21.30 -0.04
N ASN A 135 -2.95 -22.46 -0.70
CA ASN A 135 -2.82 -22.58 -2.16
C ASN A 135 -4.15 -22.78 -2.90
N LEU A 136 -5.26 -22.76 -2.17
CA LEU A 136 -6.59 -22.92 -2.76
C LEU A 136 -7.30 -21.58 -2.65
N LEU A 137 -7.53 -20.95 -3.79
CA LEU A 137 -8.08 -19.60 -3.84
C LEU A 137 -9.55 -19.61 -4.18
N LEU A 138 -10.23 -18.50 -3.89
CA LEU A 138 -11.65 -18.36 -4.16
C LEU A 138 -11.90 -17.16 -5.06
N ASP A 139 -12.67 -17.37 -6.14
CA ASP A 139 -13.00 -16.25 -7.05
C ASP A 139 -14.18 -15.46 -6.48
N GLU A 140 -14.71 -14.52 -7.27
CA GLU A 140 -15.80 -13.65 -6.82
C GLU A 140 -17.10 -14.39 -6.46
N ARG A 141 -17.33 -15.55 -7.07
CA ARG A 141 -18.50 -16.37 -6.76
C ARG A 141 -18.16 -17.57 -5.85
N ASP A 142 -17.07 -17.46 -5.10
CA ASP A 142 -16.68 -18.48 -4.13
C ASP A 142 -16.33 -19.83 -4.79
N ASN A 143 -15.97 -19.82 -6.07
CA ASN A 143 -15.49 -21.04 -6.70
C ASN A 143 -14.02 -21.24 -6.36
N LEU A 144 -13.67 -22.48 -6.00
CA LEU A 144 -12.33 -22.81 -5.55
C LEU A 144 -11.42 -23.09 -6.73
N LYS A 145 -10.21 -22.54 -6.66
CA LYS A 145 -9.22 -22.62 -7.74
C LYS A 145 -7.86 -23.02 -7.17
N ILE A 146 -7.25 -24.05 -7.73
CA ILE A 146 -5.94 -24.49 -7.31
C ILE A 146 -4.85 -23.56 -7.84
N SER A 147 -3.94 -23.17 -6.95
CA SER A 147 -2.86 -22.24 -7.29
C SER A 147 -1.49 -22.74 -6.83
N ASP A 148 -0.45 -22.06 -7.34
CA ASP A 148 0.95 -22.27 -6.97
C ASP A 148 1.46 -23.63 -7.41
N PHE A 149 1.92 -23.69 -8.66
CA PHE A 149 2.47 -24.90 -9.27
C PHE A 149 3.99 -24.94 -9.19
N GLY A 150 4.56 -24.24 -8.21
CA GLY A 150 6.00 -24.21 -8.00
C GLY A 150 6.62 -25.51 -7.55
N LEU A 151 5.83 -26.43 -6.99
CA LEU A 151 6.34 -27.77 -6.68
C LEU A 151 5.75 -28.83 -7.58
N ALA A 152 4.92 -28.43 -8.54
CA ALA A 152 4.22 -29.40 -9.37
C ALA A 152 5.18 -30.09 -10.34
N THR A 153 4.84 -31.31 -10.73
CA THR A 153 5.64 -32.08 -11.66
C THR A 153 4.81 -33.11 -12.43
N VAL A 154 5.41 -33.64 -13.50
CA VAL A 154 4.81 -34.68 -14.33
C VAL A 154 5.03 -36.06 -13.72
N PHE A 155 3.94 -36.81 -13.50
CA PHE A 155 4.07 -38.17 -13.02
C PHE A 155 3.59 -39.20 -14.05
N ARG A 156 3.03 -38.75 -15.15
CA ARG A 156 2.62 -39.66 -16.21
C ARG A 156 2.87 -39.01 -17.55
N TYR A 157 3.53 -39.75 -18.45
CA TYR A 157 3.85 -39.23 -19.78
C TYR A 157 3.82 -40.39 -20.76
N ASN A 158 3.21 -40.17 -21.92
CA ASN A 158 2.98 -41.25 -22.88
C ASN A 158 2.35 -42.51 -22.25
N ASN A 159 1.37 -42.27 -21.37
CA ASN A 159 0.65 -43.33 -20.66
C ASN A 159 1.52 -44.21 -19.76
N ARG A 160 2.66 -43.67 -19.32
CA ARG A 160 3.58 -44.41 -18.49
C ARG A 160 3.78 -43.62 -17.20
N GLU A 161 3.51 -44.26 -16.07
CA GLU A 161 3.65 -43.60 -14.76
C GLU A 161 5.10 -43.60 -14.32
N ARG A 162 5.53 -42.46 -13.76
CA ARG A 162 6.85 -42.33 -13.12
C ARG A 162 6.63 -42.22 -11.62
N LEU A 163 7.31 -43.06 -10.85
CA LEU A 163 7.27 -42.95 -9.38
C LEU A 163 8.08 -41.74 -8.94
N LEU A 164 7.62 -41.08 -7.89
CA LEU A 164 8.34 -39.93 -7.34
C LEU A 164 9.29 -40.37 -6.22
N ASN A 165 10.35 -39.60 -6.01
CA ASN A 165 11.21 -39.77 -4.82
C ASN A 165 11.50 -38.47 -4.05
N LYS A 166 11.24 -37.31 -4.65
CA LYS A 166 11.60 -36.05 -4.03
C LYS A 166 10.72 -35.81 -2.81
N MET A 167 11.33 -35.55 -1.66
CA MET A 167 10.57 -35.11 -0.51
C MET A 167 10.29 -33.63 -0.68
N CYS A 168 9.01 -33.29 -0.72
CA CYS A 168 8.60 -31.90 -0.80
C CYS A 168 7.17 -31.76 -0.37
N GLY A 169 6.75 -30.50 -0.19
CA GLY A 169 5.42 -30.18 0.26
C GLY A 169 5.51 -29.45 1.58
N THR A 170 4.52 -29.67 2.43
CA THR A 170 4.38 -28.98 3.70
C THR A 170 4.01 -30.02 4.76
N LEU A 171 4.86 -30.19 5.78
CA LEU A 171 4.81 -31.34 6.72
C LEU A 171 3.42 -31.79 7.25
N PRO A 172 2.62 -30.86 7.80
CA PRO A 172 1.27 -31.24 8.26
C PRO A 172 0.35 -31.83 7.18
N TYR A 173 0.61 -31.49 5.93
CA TYR A 173 -0.16 -31.97 4.78
C TYR A 173 0.44 -33.17 4.03
N VAL A 174 1.71 -33.52 4.29
CA VAL A 174 2.35 -34.60 3.50
C VAL A 174 1.92 -35.98 3.95
N ALA A 175 1.86 -36.90 3.00
CA ALA A 175 1.50 -38.28 3.26
C ALA A 175 2.65 -39.03 3.92
N PRO A 176 2.32 -40.04 4.76
CA PRO A 176 3.38 -40.72 5.51
C PRO A 176 4.43 -41.44 4.65
N GLU A 177 4.02 -41.94 3.48
CA GLU A 177 4.96 -42.69 2.62
C GLU A 177 6.10 -41.78 2.13
N LEU A 178 5.82 -40.48 2.02
CA LEU A 178 6.85 -39.54 1.62
C LEU A 178 7.96 -39.45 2.68
N LEU A 179 7.62 -39.72 3.94
CA LEU A 179 8.59 -39.72 5.04
C LEU A 179 9.24 -41.09 5.30
N LYS A 180 8.65 -42.15 4.75
CA LYS A 180 9.04 -43.51 5.10
C LYS A 180 9.64 -44.33 3.96
N ARG A 181 9.26 -44.04 2.72
CA ARG A 181 9.63 -44.88 1.58
C ARG A 181 10.52 -44.11 0.61
N ARG A 182 11.42 -44.84 -0.07
CA ARG A 182 12.30 -44.20 -1.06
C ARG A 182 11.49 -43.64 -2.24
N GLU A 183 10.57 -44.46 -2.75
CA GLU A 183 9.72 -44.08 -3.89
C GLU A 183 8.26 -44.25 -3.55
N PHE A 184 7.42 -43.50 -4.26
CA PHE A 184 6.01 -43.54 -3.99
C PHE A 184 5.22 -43.02 -5.20
N HIS A 185 3.98 -43.48 -5.30
CA HIS A 185 3.07 -43.02 -6.34
C HIS A 185 2.59 -41.61 -6.06
N ALA A 186 2.44 -40.83 -7.11
CA ALA A 186 2.08 -39.41 -6.99
C ALA A 186 0.65 -39.16 -6.51
N GLU A 187 -0.31 -39.89 -7.07
CA GLU A 187 -1.72 -39.57 -6.85
C GLU A 187 -2.19 -39.72 -5.40
N PRO A 188 -1.83 -40.83 -4.72
CA PRO A 188 -2.26 -40.94 -3.31
C PRO A 188 -1.71 -39.86 -2.37
N VAL A 189 -0.57 -39.25 -2.71
CA VAL A 189 -0.01 -38.14 -1.94
C VAL A 189 -0.92 -36.90 -2.02
N ASP A 190 -1.40 -36.58 -3.21
CA ASP A 190 -2.35 -35.48 -3.38
C ASP A 190 -3.70 -35.80 -2.69
N VAL A 191 -4.14 -37.05 -2.76
CA VAL A 191 -5.37 -37.46 -2.09
C VAL A 191 -5.25 -37.21 -0.57
N TRP A 192 -4.15 -37.66 0.03
CA TRP A 192 -3.89 -37.46 1.44
C TRP A 192 -4.00 -35.98 1.83
N SER A 193 -3.31 -35.11 1.11
CA SER A 193 -3.33 -33.67 1.45
C SER A 193 -4.74 -33.09 1.37
N CYS A 194 -5.53 -33.55 0.40
CA CYS A 194 -6.94 -33.18 0.31
C CYS A 194 -7.72 -33.57 1.57
N GLY A 195 -7.42 -34.75 2.12
CA GLY A 195 -7.99 -35.18 3.40
C GLY A 195 -7.61 -34.27 4.56
N ILE A 196 -6.37 -33.82 4.60
CA ILE A 196 -5.94 -32.89 5.65
C ILE A 196 -6.68 -31.56 5.47
N VAL A 197 -6.83 -31.11 4.22
CA VAL A 197 -7.61 -29.90 3.95
C VAL A 197 -9.05 -30.05 4.46
N LEU A 198 -9.67 -31.18 4.16
CA LEU A 198 -11.04 -31.45 4.65
C LEU A 198 -11.14 -31.42 6.17
N THR A 199 -10.16 -32.05 6.83
CA THR A 199 -10.06 -32.05 8.30
C THR A 199 -10.04 -30.61 8.83
N ALA A 200 -9.19 -29.77 8.22
CA ALA A 200 -9.06 -28.35 8.60
C ALA A 200 -10.37 -27.58 8.40
N MET A 201 -11.04 -27.82 7.29
CA MET A 201 -12.32 -27.18 7.01
C MET A 201 -13.39 -27.53 8.04
N LEU A 202 -13.40 -28.78 8.51
CA LEU A 202 -14.43 -29.26 9.43
C LEU A 202 -14.10 -29.09 10.92
N ALA A 203 -12.84 -28.79 11.24
CA ALA A 203 -12.37 -28.72 12.64
C ALA A 203 -11.62 -27.42 13.01
N GLY A 204 -11.17 -26.68 11.99
CA GLY A 204 -10.32 -25.49 12.20
C GLY A 204 -9.01 -25.77 12.93
N GLU A 205 -8.46 -26.96 12.73
CA GLU A 205 -7.17 -27.30 13.30
C GLU A 205 -6.57 -28.45 12.49
N LEU A 206 -5.24 -28.48 12.43
CA LEU A 206 -4.55 -29.58 11.77
C LEU A 206 -4.31 -30.71 12.77
N PRO A 207 -4.48 -31.97 12.29
CA PRO A 207 -4.40 -33.08 13.21
C PRO A 207 -3.01 -33.38 13.79
N TRP A 208 -1.95 -33.14 13.04
CA TRP A 208 -0.60 -33.46 13.52
C TRP A 208 0.44 -32.57 12.86
N ASP A 209 1.62 -32.46 13.51
CA ASP A 209 2.75 -31.75 12.91
C ASP A 209 3.28 -32.46 11.66
N GLN A 210 3.22 -33.77 11.68
CA GLN A 210 3.63 -34.62 10.56
C GLN A 210 3.20 -36.06 10.85
N PRO A 211 2.95 -36.86 9.79
CA PRO A 211 2.47 -38.23 9.93
C PRO A 211 3.62 -39.21 10.16
N SER A 212 4.27 -39.09 11.31
CA SER A 212 5.41 -39.94 11.64
C SER A 212 5.13 -40.66 12.95
N ASP A 213 5.81 -41.79 13.14
CA ASP A 213 5.69 -42.58 14.37
C ASP A 213 6.09 -41.77 15.59
N SER A 214 7.00 -40.80 15.40
CA SER A 214 7.42 -39.92 16.47
C SER A 214 6.40 -38.84 16.84
N CYS A 215 5.25 -38.81 16.16
CA CYS A 215 4.21 -37.81 16.43
C CYS A 215 3.00 -38.42 17.13
N GLN A 216 2.79 -38.04 18.40
CA GLN A 216 1.76 -38.66 19.24
C GLN A 216 0.37 -38.56 18.63
N GLU A 217 0.05 -37.41 18.05
CA GLU A 217 -1.26 -37.17 17.47
C GLU A 217 -1.53 -38.12 16.29
N TYR A 218 -0.49 -38.40 15.51
CA TYR A 218 -0.63 -39.38 14.44
C TYR A 218 -0.77 -40.81 14.98
N SER A 219 0.02 -41.16 16.00
CA SER A 219 -0.17 -42.45 16.66
C SER A 219 -1.61 -42.64 17.17
N ASP A 220 -2.15 -41.60 17.81
CA ASP A 220 -3.53 -41.61 18.36
C ASP A 220 -4.56 -41.95 17.28
N TRP A 221 -4.42 -41.29 16.13
CA TRP A 221 -5.27 -41.55 14.96
C TRP A 221 -5.15 -42.99 14.48
N LYS A 222 -3.93 -43.50 14.38
CA LYS A 222 -3.70 -44.89 13.95
C LYS A 222 -4.30 -45.88 14.97
N GLU A 223 -4.32 -45.46 16.23
CA GLU A 223 -4.98 -46.21 17.32
C GLU A 223 -6.52 -46.02 17.35
N LYS A 224 -7.04 -45.13 16.51
CA LYS A 224 -8.48 -44.88 16.36
C LYS A 224 -9.11 -44.13 17.54
N LYS A 225 -8.35 -43.20 18.11
CA LYS A 225 -8.81 -42.39 19.23
C LYS A 225 -9.57 -41.15 18.71
N THR A 226 -10.71 -41.40 18.10
CA THR A 226 -11.50 -40.34 17.47
C THR A 226 -12.40 -39.63 18.49
N TYR A 227 -12.24 -39.99 19.77
CA TYR A 227 -12.83 -39.23 20.86
C TYR A 227 -11.98 -38.00 21.20
N LEU A 228 -10.79 -37.89 20.61
CA LEU A 228 -9.93 -36.71 20.73
C LEU A 228 -10.17 -35.69 19.61
N ASN A 229 -9.69 -34.46 19.82
CA ASN A 229 -9.67 -33.44 18.77
C ASN A 229 -8.56 -33.79 17.76
N PRO A 230 -8.75 -33.46 16.47
CA PRO A 230 -9.89 -32.73 15.90
C PRO A 230 -11.12 -33.59 15.61
N TRP A 231 -10.98 -34.91 15.73
CA TRP A 231 -11.96 -35.86 15.19
C TRP A 231 -13.32 -35.76 15.88
N LYS A 232 -13.32 -35.48 17.18
CA LYS A 232 -14.58 -35.43 17.93
C LYS A 232 -15.47 -34.25 17.51
N LYS A 233 -14.89 -33.26 16.83
CA LYS A 233 -15.63 -32.12 16.27
C LYS A 233 -16.31 -32.44 14.94
N ILE A 234 -15.96 -33.58 14.35
CA ILE A 234 -16.41 -33.93 13.00
C ILE A 234 -17.50 -34.99 13.04
N ASP A 235 -18.56 -34.72 12.28
CA ASP A 235 -19.71 -35.61 12.22
C ASP A 235 -19.33 -36.97 11.66
N SER A 236 -20.04 -38.01 12.08
CA SER A 236 -19.72 -39.38 11.70
C SER A 236 -19.60 -39.61 10.20
N ALA A 237 -20.43 -38.94 9.40
CA ALA A 237 -20.42 -39.14 7.95
C ALA A 237 -19.08 -38.65 7.29
N PRO A 238 -18.71 -37.35 7.44
CA PRO A 238 -17.40 -36.93 6.89
C PRO A 238 -16.23 -37.65 7.58
N LEU A 239 -16.39 -37.98 8.86
CA LEU A 239 -15.32 -38.68 9.58
C LEU A 239 -15.06 -40.05 8.95
N ALA A 240 -16.12 -40.70 8.50
CA ALA A 240 -16.00 -41.99 7.82
C ALA A 240 -15.22 -41.86 6.49
N LEU A 241 -15.43 -40.76 5.77
CA LEU A 241 -14.62 -40.47 4.58
C LEU A 241 -13.15 -40.25 4.95
N LEU A 242 -12.91 -39.47 6.00
CA LEU A 242 -11.53 -39.25 6.48
C LEU A 242 -10.82 -40.53 6.89
N HIS A 243 -11.56 -41.45 7.49
CA HIS A 243 -10.98 -42.78 7.79
C HIS A 243 -10.49 -43.51 6.55
N LYS A 244 -11.11 -43.26 5.38
CA LYS A 244 -10.73 -43.91 4.11
C LYS A 244 -9.58 -43.17 3.40
N ILE A 245 -9.50 -41.86 3.63
CA ILE A 245 -8.47 -41.05 3.00
C ILE A 245 -7.15 -41.11 3.79
N LEU A 246 -7.23 -40.96 5.10
CA LEU A 246 -6.03 -40.87 5.95
C LEU A 246 -5.59 -42.28 6.39
N VAL A 247 -5.39 -43.12 5.39
CA VAL A 247 -4.91 -44.48 5.52
C VAL A 247 -3.40 -44.48 5.25
N GLU A 248 -2.64 -45.09 6.16
CA GLU A 248 -1.18 -45.06 6.09
C GLU A 248 -0.61 -45.72 4.81
N ASN A 249 -1.17 -46.87 4.45
CA ASN A 249 -0.75 -47.60 3.25
C ASN A 249 -1.34 -46.92 2.03
N PRO A 250 -0.51 -46.28 1.19
CA PRO A 250 -1.08 -45.58 0.03
C PRO A 250 -1.73 -46.49 -0.99
N SER A 251 -1.36 -47.78 -1.01
CA SER A 251 -2.03 -48.71 -1.91
C SER A 251 -3.45 -49.09 -1.43
N ALA A 252 -3.67 -48.99 -0.11
CA ALA A 252 -4.99 -49.27 0.49
C ALA A 252 -5.81 -48.00 0.57
N ARG A 253 -5.15 -46.86 0.50
CA ARG A 253 -5.86 -45.56 0.53
C ARG A 253 -6.96 -45.42 -0.55
N ILE A 254 -8.03 -44.72 -0.21
CA ILE A 254 -9.14 -44.53 -1.13
C ILE A 254 -8.66 -43.72 -2.34
N THR A 255 -9.15 -44.08 -3.52
CA THR A 255 -8.86 -43.34 -4.76
C THR A 255 -9.98 -42.32 -5.03
N ILE A 256 -9.74 -41.37 -5.94
CA ILE A 256 -10.74 -40.33 -6.19
C ILE A 256 -12.04 -40.92 -6.76
N PRO A 257 -11.95 -41.86 -7.74
CA PRO A 257 -13.21 -42.50 -8.18
C PRO A 257 -14.10 -43.02 -7.05
N ASP A 258 -13.51 -43.59 -6.00
CA ASP A 258 -14.25 -44.09 -4.85
C ASP A 258 -14.64 -43.00 -3.85
N ILE A 259 -13.82 -41.94 -3.71
CA ILE A 259 -14.25 -40.75 -2.95
C ILE A 259 -15.56 -40.22 -3.51
N LYS A 260 -15.64 -40.18 -4.84
CA LYS A 260 -16.86 -39.74 -5.53
C LYS A 260 -18.10 -40.62 -5.26
N LYS A 261 -17.89 -41.84 -4.75
CA LYS A 261 -19.00 -42.74 -4.34
C LYS A 261 -19.30 -42.71 -2.84
N ASP A 262 -18.55 -41.90 -2.08
CA ASP A 262 -18.69 -41.88 -0.63
C ASP A 262 -20.04 -41.31 -0.20
N ARG A 263 -20.60 -41.84 0.90
CA ARG A 263 -21.91 -41.41 1.41
C ARG A 263 -21.96 -39.91 1.74
N TRP A 264 -20.99 -39.41 2.51
CA TRP A 264 -20.95 -38.00 2.82
C TRP A 264 -20.76 -37.14 1.56
N TYR A 265 -19.81 -37.54 0.70
CA TYR A 265 -19.56 -36.83 -0.54
C TYR A 265 -20.85 -36.60 -1.32
N ASN A 266 -21.74 -37.59 -1.27
CA ASN A 266 -23.02 -37.55 -2.01
C ASN A 266 -24.25 -37.15 -1.19
N LYS A 267 -24.02 -36.65 0.02
CA LYS A 267 -25.14 -36.25 0.90
C LYS A 267 -25.69 -34.88 0.46
N PRO A 268 -27.01 -34.79 0.23
CA PRO A 268 -27.52 -33.44 -0.08
C PRO A 268 -27.48 -32.55 1.17
N LEU A 269 -26.73 -31.46 1.09
CA LEU A 269 -26.48 -30.58 2.25
C LEU A 269 -26.78 -29.11 1.97
N LYS A 270 -26.53 -28.66 0.76
CA LYS A 270 -26.54 -27.22 0.45
C LYS A 270 -27.52 -26.87 -0.66
N LYS A 271 -28.32 -25.83 -0.42
CA LYS A 271 -29.21 -25.29 -1.44
C LYS A 271 -28.41 -24.54 -2.51
N GLY A 272 -28.95 -24.48 -3.73
CA GLY A 272 -28.32 -23.71 -4.80
C GLY A 272 -28.48 -22.22 -4.57
N ALA A 273 -27.71 -21.42 -5.34
CA ALA A 273 -27.78 -19.97 -5.25
C ALA A 273 -28.93 -19.43 -6.10
N VAL B 3 0.17 -2.89 26.93
CA VAL B 3 1.41 -3.10 26.12
C VAL B 3 2.52 -2.17 26.60
N PRO B 4 3.48 -2.70 27.40
CA PRO B 4 4.62 -1.88 27.85
C PRO B 4 5.43 -1.32 26.68
N PHE B 5 6.08 -0.17 26.91
CA PHE B 5 7.09 0.40 26.00
C PHE B 5 6.55 1.19 24.81
N VAL B 6 5.22 1.24 24.66
CA VAL B 6 4.60 1.83 23.47
C VAL B 6 4.66 3.36 23.40
N GLU B 7 5.01 4.01 24.51
CA GLU B 7 5.20 5.46 24.56
C GLU B 7 6.68 5.86 24.51
N ASP B 8 7.57 4.90 24.21
CA ASP B 8 9.00 5.17 24.07
C ASP B 8 9.39 5.30 22.59
N TRP B 9 10.17 6.34 22.30
CA TRP B 9 10.62 6.67 20.95
C TRP B 9 12.14 6.83 20.92
N ASP B 10 12.78 6.29 19.89
CA ASP B 10 14.20 6.50 19.66
C ASP B 10 14.40 7.62 18.65
N LEU B 11 15.22 8.61 19.01
CA LEU B 11 15.55 9.70 18.08
C LEU B 11 16.65 9.24 17.15
N VAL B 12 16.36 9.14 15.86
CA VAL B 12 17.28 8.51 14.91
C VAL B 12 17.99 9.46 13.94
N GLN B 13 17.39 10.61 13.63
CA GLN B 13 17.94 11.49 12.60
C GLN B 13 17.53 12.94 12.82
N THR B 14 18.44 13.87 12.61
CA THR B 14 18.08 15.29 12.62
C THR B 14 17.44 15.65 11.29
N LEU B 15 16.28 16.29 11.35
CA LEU B 15 15.53 16.66 10.14
C LEU B 15 15.74 18.16 9.81
N GLY B 16 16.16 18.93 10.80
CA GLY B 16 16.50 20.34 10.57
C GLY B 16 16.41 21.17 11.83
N GLU B 17 16.72 22.46 11.69
CA GLU B 17 16.69 23.41 12.79
C GLU B 17 15.72 24.54 12.46
N GLY B 18 14.90 24.93 13.44
CA GLY B 18 13.94 26.01 13.28
C GLY B 18 14.27 27.18 14.17
N ALA B 19 13.36 28.15 14.23
CA ALA B 19 13.58 29.34 15.06
C ALA B 19 13.66 28.97 16.55
N TYR B 20 12.81 28.04 16.98
CA TYR B 20 12.73 27.67 18.41
C TYR B 20 13.54 26.43 18.77
N GLY B 21 13.76 25.52 17.81
CA GLY B 21 14.56 24.32 18.08
C GLY B 21 14.69 23.32 16.95
N GLU B 22 15.25 22.16 17.28
CA GLU B 22 15.52 21.09 16.32
C GLU B 22 14.31 20.18 16.08
N VAL B 23 14.22 19.62 14.88
CA VAL B 23 13.25 18.57 14.58
C VAL B 23 14.01 17.27 14.32
N GLN B 24 13.57 16.20 14.98
CA GLN B 24 14.18 14.88 14.86
C GLN B 24 13.17 13.84 14.38
N LEU B 25 13.65 12.88 13.61
CA LEU B 25 12.90 11.67 13.31
C LEU B 25 12.87 10.78 14.54
N ALA B 26 11.68 10.44 15.00
CA ALA B 26 11.48 9.54 16.14
C ALA B 26 10.77 8.27 15.66
N VAL B 27 11.26 7.12 16.10
CA VAL B 27 10.70 5.83 15.72
C VAL B 27 10.25 5.11 17.00
N ASN B 28 9.00 4.65 17.02
CA ASN B 28 8.44 4.03 18.22
C ASN B 28 9.15 2.72 18.52
N ARG B 29 9.56 2.55 19.77
CA ARG B 29 10.28 1.37 20.23
C ARG B 29 9.55 0.05 19.93
N VAL B 30 8.21 0.08 19.99
CA VAL B 30 7.37 -1.10 19.77
C VAL B 30 6.83 -1.20 18.35
N THR B 31 6.14 -0.15 17.89
CA THR B 31 5.39 -0.22 16.64
C THR B 31 6.24 0.15 15.43
N GLU B 32 7.37 0.81 15.68
CA GLU B 32 8.24 1.35 14.63
C GLU B 32 7.60 2.48 13.82
N GLU B 33 6.47 3.00 14.32
CA GLU B 33 5.84 4.18 13.72
C GLU B 33 6.83 5.32 13.75
N ALA B 34 6.89 6.07 12.65
CA ALA B 34 7.79 7.21 12.51
C ALA B 34 6.98 8.48 12.72
N VAL B 35 7.52 9.36 13.58
CA VAL B 35 6.97 10.70 13.75
C VAL B 35 8.10 11.71 13.76
N ALA B 36 7.74 12.98 13.55
CA ALA B 36 8.66 14.09 13.70
C ALA B 36 8.45 14.68 15.10
N VAL B 37 9.54 14.89 15.81
CA VAL B 37 9.50 15.53 17.12
C VAL B 37 10.27 16.82 17.10
N LYS B 38 9.57 17.94 17.39
CA LYS B 38 10.21 19.23 17.52
C LYS B 38 10.60 19.41 18.97
N ILE B 39 11.87 19.74 19.19
CA ILE B 39 12.43 19.87 20.54
C ILE B 39 12.85 21.31 20.76
N VAL B 40 12.22 22.00 21.70
CA VAL B 40 12.55 23.39 21.97
C VAL B 40 12.87 23.63 23.45
N ASP B 41 14.07 24.16 23.68
CA ASP B 41 14.54 24.53 25.02
C ASP B 41 14.04 25.94 25.31
N MET B 42 13.08 26.05 26.23
CA MET B 42 12.39 27.32 26.45
C MET B 42 13.23 28.36 27.18
N LYS B 43 14.27 27.91 27.89
CA LYS B 43 15.23 28.82 28.54
C LYS B 43 16.22 29.37 27.52
N ASN B 51 6.23 31.96 22.63
CA ASN B 51 6.03 31.68 21.21
C ASN B 51 5.67 30.23 20.91
N ILE B 52 6.27 29.29 21.63
CA ILE B 52 5.95 27.89 21.40
C ILE B 52 4.55 27.52 21.91
N LYS B 53 4.08 28.21 22.95
CA LYS B 53 2.73 28.01 23.47
C LYS B 53 1.70 28.31 22.38
N LYS B 54 1.89 29.41 21.68
CA LYS B 54 1.00 29.82 20.60
C LYS B 54 1.06 28.84 19.43
N GLU B 55 2.26 28.38 19.08
CA GLU B 55 2.42 27.41 17.99
C GLU B 55 1.66 26.13 18.31
N ILE B 56 1.70 25.70 19.58
CA ILE B 56 0.94 24.54 19.99
C ILE B 56 -0.57 24.79 19.88
N CYS B 57 -1.00 25.95 20.36
CA CYS B 57 -2.40 26.38 20.30
C CYS B 57 -2.97 26.32 18.88
N ILE B 58 -2.22 26.89 17.95
CA ILE B 58 -2.65 26.92 16.55
C ILE B 58 -2.64 25.52 15.97
N ASN B 59 -1.61 24.73 16.25
CA ASN B 59 -1.56 23.36 15.76
C ASN B 59 -2.78 22.53 16.19
N LYS B 60 -3.23 22.75 17.42
CA LYS B 60 -4.42 22.06 17.94
C LYS B 60 -5.70 22.38 17.18
N MET B 61 -5.72 23.51 16.46
CA MET B 61 -6.88 23.89 15.64
C MET B 61 -6.95 23.19 14.29
N LEU B 62 -5.86 22.56 13.85
CA LEU B 62 -5.71 22.18 12.46
C LEU B 62 -5.99 20.72 12.17
N ASN B 63 -6.72 20.48 11.07
CA ASN B 63 -6.98 19.13 10.57
C ASN B 63 -7.32 19.19 9.09
N HIS B 64 -6.31 18.97 8.24
CA HIS B 64 -6.49 19.01 6.79
C HIS B 64 -5.38 18.20 6.13
N GLU B 65 -5.71 17.55 5.01
CA GLU B 65 -4.80 16.68 4.26
C GLU B 65 -3.53 17.35 3.74
N ASN B 66 -3.56 18.66 3.57
CA ASN B 66 -2.39 19.45 3.13
C ASN B 66 -1.78 20.32 4.25
N VAL B 67 -1.99 19.90 5.49
CA VAL B 67 -1.38 20.51 6.67
C VAL B 67 -0.75 19.40 7.51
N VAL B 68 0.52 19.56 7.89
CA VAL B 68 1.21 18.54 8.68
C VAL B 68 0.44 18.30 9.98
N LYS B 69 0.13 17.03 10.25
CA LYS B 69 -0.70 16.66 11.39
C LYS B 69 0.06 16.83 12.73
N PHE B 70 -0.65 17.38 13.70
CA PHE B 70 -0.18 17.55 15.07
C PHE B 70 -0.78 16.44 15.94
N TYR B 71 0.09 15.70 16.61
CA TYR B 71 -0.36 14.54 17.39
C TYR B 71 -0.49 14.86 18.88
N GLY B 72 0.41 15.69 19.38
CA GLY B 72 0.36 16.12 20.77
C GLY B 72 1.64 16.77 21.24
N HIS B 73 1.67 17.16 22.50
CA HIS B 73 2.85 17.78 23.09
C HIS B 73 3.06 17.34 24.53
N ARG B 74 4.32 17.37 24.96
CA ARG B 74 4.71 17.00 26.32
C ARG B 74 5.83 17.94 26.77
N ARG B 75 5.73 18.46 27.99
CA ARG B 75 6.81 19.29 28.56
C ARG B 75 7.55 18.49 29.62
N GLU B 76 8.88 18.62 29.64
CA GLU B 76 9.72 17.96 30.64
C GLU B 76 10.77 18.95 31.10
N GLY B 77 10.45 19.66 32.18
CA GLY B 77 11.29 20.73 32.70
C GLY B 77 11.27 21.94 31.78
N ASN B 78 12.43 22.24 31.19
CA ASN B 78 12.58 23.42 30.33
C ASN B 78 12.46 23.09 28.84
N ILE B 79 12.16 21.83 28.52
CA ILE B 79 12.07 21.38 27.13
C ILE B 79 10.64 21.00 26.77
N GLN B 80 10.14 21.60 25.69
CA GLN B 80 8.84 21.25 25.11
C GLN B 80 9.05 20.33 23.92
N TYR B 81 8.27 19.25 23.86
CA TYR B 81 8.30 18.33 22.73
C TYR B 81 6.97 18.42 21.99
N LEU B 82 7.01 18.68 20.68
CA LEU B 82 5.83 18.56 19.85
C LEU B 82 5.98 17.32 18.99
N PHE B 83 4.94 16.51 18.92
CA PHE B 83 4.88 15.32 18.09
C PHE B 83 4.02 15.59 16.86
N LEU B 84 4.63 15.43 15.70
CA LEU B 84 4.04 15.84 14.43
C LEU B 84 4.21 14.77 13.36
N GLU B 85 3.38 14.86 12.34
CA GLU B 85 3.46 13.95 11.21
C GLU B 85 4.83 14.02 10.55
N TYR B 86 5.44 12.86 10.33
CA TYR B 86 6.70 12.77 9.59
C TYR B 86 6.43 12.67 8.10
N CYS B 87 7.06 13.57 7.34
CA CYS B 87 6.89 13.63 5.90
C CYS B 87 8.17 13.14 5.24
N SER B 88 8.15 11.87 4.82
CA SER B 88 9.36 11.18 4.36
C SER B 88 9.93 11.70 3.05
N GLY B 89 9.12 12.43 2.28
CA GLY B 89 9.59 13.08 1.07
C GLY B 89 10.41 14.33 1.28
N GLY B 90 10.52 14.80 2.52
CA GLY B 90 11.37 15.95 2.84
C GLY B 90 10.74 17.27 2.42
N GLU B 91 11.58 18.27 2.11
CA GLU B 91 11.10 19.62 1.82
C GLU B 91 10.99 19.86 0.34
N LEU B 92 9.95 20.57 -0.06
CA LEU B 92 9.80 21.03 -1.44
C LEU B 92 11.07 21.74 -1.95
N PHE B 93 11.77 22.40 -1.04
CA PHE B 93 13.01 23.06 -1.35
C PHE B 93 13.94 22.14 -2.14
N ASP B 94 13.98 20.86 -1.75
CA ASP B 94 14.95 19.95 -2.33
C ASP B 94 14.48 19.30 -3.64
N ARG B 95 13.26 19.63 -4.08
CA ARG B 95 12.75 19.23 -5.40
C ARG B 95 12.93 20.32 -6.45
N ILE B 96 13.43 21.48 -6.03
CA ILE B 96 13.62 22.58 -6.93
C ILE B 96 15.09 22.56 -7.36
N GLU B 97 15.31 22.30 -8.64
CA GLU B 97 16.69 22.25 -9.17
C GLU B 97 17.18 23.68 -9.41
N PRO B 98 18.32 24.07 -8.79
CA PRO B 98 18.73 25.45 -9.05
C PRO B 98 18.85 25.79 -10.54
N ASP B 99 18.31 26.95 -10.90
CA ASP B 99 18.29 27.53 -12.24
C ASP B 99 17.37 26.82 -13.26
N ILE B 100 16.71 25.76 -12.83
CA ILE B 100 15.85 24.94 -13.67
C ILE B 100 14.43 24.97 -13.13
N GLY B 101 14.29 24.66 -11.84
CA GLY B 101 12.98 24.48 -11.26
C GLY B 101 12.58 23.03 -11.26
N MET B 102 11.45 22.73 -11.88
CA MET B 102 10.96 21.35 -11.97
C MET B 102 9.97 21.27 -13.12
N PRO B 103 9.60 20.05 -13.51
CA PRO B 103 8.59 19.95 -14.58
C PRO B 103 7.26 20.67 -14.24
N GLU B 104 6.76 21.43 -15.20
CA GLU B 104 5.53 22.21 -15.03
C GLU B 104 4.34 21.41 -14.46
N PRO B 105 4.11 20.17 -14.93
CA PRO B 105 3.00 19.39 -14.35
C PRO B 105 3.18 19.12 -12.85
N ASP B 106 4.44 18.90 -12.43
CA ASP B 106 4.72 18.71 -11.00
C ASP B 106 4.45 20.00 -10.21
N ALA B 107 4.94 21.13 -10.75
CA ALA B 107 4.73 22.46 -10.14
C ALA B 107 3.24 22.75 -10.00
N GLN B 108 2.46 22.43 -11.03
CA GLN B 108 1.00 22.67 -11.00
C GLN B 108 0.32 21.85 -9.90
N ARG B 109 0.70 20.58 -9.77
CA ARG B 109 0.10 19.71 -8.77
C ARG B 109 0.43 20.20 -7.36
N PHE B 110 1.69 20.55 -7.12
CA PHE B 110 2.10 21.06 -5.83
C PHE B 110 1.37 22.37 -5.53
N PHE B 111 1.21 23.21 -6.55
CA PHE B 111 0.50 24.48 -6.39
C PHE B 111 -0.98 24.26 -6.04
N HIS B 112 -1.64 23.32 -6.71
CA HIS B 112 -3.00 22.95 -6.36
C HIS B 112 -3.11 22.59 -4.87
N GLN B 113 -2.17 21.77 -4.40
CA GLN B 113 -2.17 21.26 -3.03
C GLN B 113 -1.83 22.37 -2.04
N LEU B 114 -0.93 23.26 -2.43
CA LEU B 114 -0.65 24.45 -1.62
C LEU B 114 -1.89 25.33 -1.43
N MET B 115 -2.59 25.62 -2.54
CA MET B 115 -3.82 26.40 -2.49
C MET B 115 -4.85 25.74 -1.57
N ALA B 116 -4.96 24.42 -1.68
CA ALA B 116 -5.93 23.68 -0.84
C ALA B 116 -5.65 23.92 0.65
N GLY B 117 -4.37 23.83 1.05
CA GLY B 117 -4.00 24.00 2.42
C GLY B 117 -4.19 25.44 2.89
N VAL B 118 -3.85 26.40 2.01
CA VAL B 118 -3.99 27.83 2.37
C VAL B 118 -5.46 28.22 2.49
N VAL B 119 -6.28 27.74 1.57
CA VAL B 119 -7.74 27.96 1.65
C VAL B 119 -8.26 27.43 2.99
N TYR B 120 -7.87 26.22 3.35
CA TYR B 120 -8.26 25.65 4.64
C TYR B 120 -7.90 26.56 5.83
N LEU B 121 -6.63 26.99 5.87
CA LEU B 121 -6.17 27.83 6.98
C LEU B 121 -6.92 29.13 7.02
N HIS B 122 -7.01 29.80 5.88
CA HIS B 122 -7.73 31.07 5.82
C HIS B 122 -9.19 30.92 6.26
N GLY B 123 -9.79 29.77 5.92
CA GLY B 123 -11.20 29.52 6.28
C GLY B 123 -11.44 29.39 7.77
N ILE B 124 -10.42 28.95 8.51
CA ILE B 124 -10.50 28.92 9.98
C ILE B 124 -9.85 30.14 10.65
N GLY B 125 -9.53 31.16 9.86
CA GLY B 125 -9.02 32.44 10.35
C GLY B 125 -7.55 32.45 10.75
N ILE B 126 -6.77 31.51 10.21
CA ILE B 126 -5.34 31.41 10.49
C ILE B 126 -4.52 31.82 9.26
N THR B 127 -3.51 32.65 9.48
CA THR B 127 -2.54 32.97 8.44
C THR B 127 -1.20 32.38 8.85
N HIS B 128 -0.52 31.74 7.90
CA HIS B 128 0.77 31.09 8.19
C HIS B 128 1.92 32.09 8.35
N ARG B 129 2.01 33.06 7.43
CA ARG B 129 2.96 34.18 7.52
C ARG B 129 4.40 33.87 7.13
N ASP B 130 4.68 32.64 6.71
CA ASP B 130 6.05 32.27 6.33
C ASP B 130 6.04 31.12 5.32
N ILE B 131 5.17 31.24 4.32
CA ILE B 131 5.12 30.21 3.28
C ILE B 131 6.37 30.30 2.39
N LYS B 132 7.07 29.16 2.27
CA LYS B 132 8.27 29.05 1.44
C LYS B 132 8.60 27.57 1.31
N PRO B 133 9.44 27.19 0.33
CA PRO B 133 9.68 25.74 0.06
C PRO B 133 10.28 24.95 1.21
N GLU B 134 11.00 25.65 2.10
CA GLU B 134 11.58 25.01 3.28
C GLU B 134 10.53 24.58 4.31
N ASN B 135 9.32 25.17 4.23
CA ASN B 135 8.19 24.87 5.13
C ASN B 135 7.07 24.04 4.50
N LEU B 136 7.25 23.65 3.24
CA LEU B 136 6.26 22.83 2.52
C LEU B 136 6.88 21.46 2.37
N LEU B 137 6.27 20.47 3.00
CA LEU B 137 6.85 19.12 3.06
C LEU B 137 6.06 18.18 2.17
N LEU B 138 6.68 17.04 1.89
CA LEU B 138 6.13 16.04 1.00
C LEU B 138 6.02 14.71 1.72
N ASP B 139 4.85 14.09 1.64
CA ASP B 139 4.68 12.78 2.26
C ASP B 139 5.23 11.70 1.32
N GLU B 140 5.04 10.43 1.68
CA GLU B 140 5.56 9.33 0.87
C GLU B 140 4.93 9.22 -0.53
N ARG B 141 3.75 9.81 -0.72
CA ARG B 141 3.08 9.89 -2.02
C ARG B 141 3.25 11.25 -2.70
N ASP B 142 4.25 12.01 -2.25
CA ASP B 142 4.52 13.36 -2.73
C ASP B 142 3.35 14.31 -2.59
N ASN B 143 2.47 14.07 -1.63
CA ASN B 143 1.45 15.07 -1.28
C ASN B 143 2.08 16.19 -0.44
N LEU B 144 1.75 17.42 -0.78
CA LEU B 144 2.33 18.59 -0.10
C LEU B 144 1.57 18.91 1.18
N LYS B 145 2.33 19.20 2.24
CA LYS B 145 1.77 19.55 3.53
C LYS B 145 2.47 20.79 4.11
N ILE B 146 1.68 21.74 4.56
CA ILE B 146 2.19 22.95 5.16
C ILE B 146 2.67 22.65 6.57
N SER B 147 3.86 23.15 6.89
CA SER B 147 4.49 22.92 8.20
C SER B 147 5.00 24.23 8.80
N ASP B 148 5.35 24.15 10.08
CA ASP B 148 5.99 25.21 10.85
C ASP B 148 5.07 26.39 11.07
N PHE B 149 4.24 26.28 12.10
CA PHE B 149 3.30 27.35 12.45
C PHE B 149 3.85 28.31 13.50
N GLY B 150 5.17 28.42 13.57
CA GLY B 150 5.82 29.28 14.56
C GLY B 150 5.63 30.78 14.38
N LEU B 151 5.23 31.19 13.17
CA LEU B 151 4.89 32.60 12.93
C LEU B 151 3.41 32.79 12.67
N ALA B 152 2.62 31.72 12.72
CA ALA B 152 1.21 31.79 12.38
C ALA B 152 0.43 32.56 13.43
N THR B 153 -0.69 33.14 13.00
CA THR B 153 -1.55 33.91 13.89
C THR B 153 -3.01 33.96 13.39
N VAL B 154 -3.90 34.30 14.32
CA VAL B 154 -5.31 34.53 14.02
C VAL B 154 -5.53 35.88 13.38
N PHE B 155 -6.19 35.89 12.23
CA PHE B 155 -6.58 37.13 11.56
C PHE B 155 -8.11 37.29 11.45
N ARG B 156 -8.85 36.26 11.80
CA ARG B 156 -10.32 36.37 11.84
C ARG B 156 -10.83 35.61 13.04
N TYR B 157 -11.69 36.27 13.82
CA TYR B 157 -12.25 35.67 15.01
C TYR B 157 -13.66 36.20 15.20
N ASN B 158 -14.60 35.31 15.48
CA ASN B 158 -16.04 35.66 15.58
C ASN B 158 -16.49 36.44 14.34
N ASN B 159 -15.95 36.01 13.20
CA ASN B 159 -16.27 36.58 11.90
C ASN B 159 -15.86 38.04 11.72
N ARG B 160 -14.89 38.49 12.50
CA ARG B 160 -14.41 39.83 12.41
C ARG B 160 -12.94 39.73 12.04
N GLU B 161 -12.54 40.36 10.94
CA GLU B 161 -11.14 40.37 10.53
C GLU B 161 -10.33 41.35 11.36
N ARG B 162 -9.11 40.95 11.70
CA ARG B 162 -8.13 41.86 12.31
C ARG B 162 -7.01 42.10 11.31
N LEU B 163 -6.68 43.36 11.10
CA LEU B 163 -5.50 43.71 10.28
C LEU B 163 -4.24 43.39 11.05
N LEU B 164 -3.21 42.93 10.33
CA LEU B 164 -1.92 42.63 10.94
C LEU B 164 -1.08 43.90 10.92
N ASN B 165 -0.15 44.00 11.84
CA ASN B 165 0.80 45.14 11.87
C ASN B 165 2.24 44.74 12.24
N LYS B 166 2.51 43.45 12.36
CA LYS B 166 3.84 42.96 12.72
C LYS B 166 4.54 42.56 11.43
N MET B 167 5.80 42.99 11.26
CA MET B 167 6.60 42.53 10.14
C MET B 167 7.21 41.20 10.53
N CYS B 168 6.91 40.16 9.76
CA CYS B 168 7.60 38.89 9.93
C CYS B 168 7.54 38.12 8.63
N GLY B 169 8.28 37.03 8.60
CA GLY B 169 8.38 36.18 7.42
C GLY B 169 9.83 36.10 6.98
N THR B 170 10.02 35.97 5.67
CA THR B 170 11.31 35.72 5.07
C THR B 170 11.37 36.65 3.85
N LEU B 171 12.33 37.57 3.81
CA LEU B 171 12.30 38.71 2.88
C LEU B 171 11.97 38.43 1.39
N PRO B 172 12.67 37.47 0.75
CA PRO B 172 12.33 37.13 -0.65
C PRO B 172 10.89 36.70 -0.89
N TYR B 173 10.23 36.25 0.17
CA TYR B 173 8.83 35.77 0.09
C TYR B 173 7.75 36.75 0.58
N VAL B 174 8.15 37.82 1.26
CA VAL B 174 7.18 38.75 1.84
C VAL B 174 6.58 39.68 0.80
N ALA B 175 5.32 40.06 1.02
CA ALA B 175 4.60 40.98 0.16
C ALA B 175 5.06 42.42 0.40
N PRO B 176 5.03 43.25 -0.64
CA PRO B 176 5.59 44.60 -0.50
C PRO B 176 4.89 45.46 0.55
N GLU B 177 3.59 45.24 0.75
CA GLU B 177 2.82 46.03 1.74
C GLU B 177 3.34 45.80 3.15
N LEU B 178 3.86 44.63 3.42
CA LEU B 178 4.41 44.35 4.72
C LEU B 178 5.60 45.28 5.05
N LEU B 179 6.33 45.72 4.01
CA LEU B 179 7.48 46.63 4.17
C LEU B 179 7.08 48.12 4.12
N LYS B 180 5.82 48.39 3.84
CA LYS B 180 5.40 49.76 3.54
C LYS B 180 4.33 50.29 4.48
N ARG B 181 3.29 49.47 4.69
CA ARG B 181 2.11 49.91 5.41
C ARG B 181 2.23 49.59 6.89
N ARG B 182 1.66 50.45 7.74
CA ARG B 182 1.60 50.15 9.16
C ARG B 182 0.66 48.97 9.44
N GLU B 183 -0.42 48.87 8.68
CA GLU B 183 -1.37 47.76 8.79
C GLU B 183 -1.71 47.19 7.42
N PHE B 184 -2.06 45.91 7.42
CA PHE B 184 -2.35 45.23 6.17
C PHE B 184 -3.14 43.95 6.41
N HIS B 185 -3.86 43.56 5.37
CA HIS B 185 -4.72 42.38 5.40
C HIS B 185 -3.87 41.11 5.30
N ALA B 186 -4.22 40.09 6.08
CA ALA B 186 -3.42 38.87 6.16
C ALA B 186 -3.44 38.03 4.88
N GLU B 187 -4.62 37.84 4.31
CA GLU B 187 -4.76 36.88 3.20
C GLU B 187 -3.90 37.20 1.96
N PRO B 188 -3.91 38.45 1.46
CA PRO B 188 -3.04 38.78 0.30
C PRO B 188 -1.54 38.54 0.50
N VAL B 189 -1.07 38.60 1.75
CA VAL B 189 0.33 38.37 2.05
C VAL B 189 0.66 36.88 1.84
N ASP B 190 -0.21 35.98 2.28
CA ASP B 190 -0.01 34.54 2.02
C ASP B 190 -0.14 34.25 0.51
N VAL B 191 -1.10 34.89 -0.16
CA VAL B 191 -1.22 34.73 -1.60
C VAL B 191 0.11 35.07 -2.31
N TRP B 192 0.71 36.19 -1.92
CA TRP B 192 1.97 36.66 -2.53
C TRP B 192 3.08 35.64 -2.36
N SER B 193 3.29 35.14 -1.14
CA SER B 193 4.34 34.15 -0.91
C SER B 193 4.11 32.88 -1.73
N CYS B 194 2.85 32.47 -1.90
CA CYS B 194 2.54 31.35 -2.79
C CYS B 194 2.99 31.62 -4.23
N GLY B 195 2.80 32.84 -4.72
CA GLY B 195 3.34 33.25 -6.03
C GLY B 195 4.86 33.15 -6.15
N ILE B 196 5.55 33.50 -5.08
CA ILE B 196 7.02 33.41 -5.08
C ILE B 196 7.43 31.93 -5.10
N VAL B 197 6.73 31.11 -4.32
CA VAL B 197 6.94 29.66 -4.37
C VAL B 197 6.73 29.12 -5.80
N LEU B 198 5.64 29.51 -6.44
CA LEU B 198 5.39 29.11 -7.82
C LEU B 198 6.53 29.52 -8.76
N THR B 199 6.99 30.76 -8.61
CA THR B 199 8.11 31.28 -9.41
C THR B 199 9.33 30.36 -9.24
N ALA B 200 9.66 30.05 -7.98
CA ALA B 200 10.80 29.19 -7.65
C ALA B 200 10.66 27.81 -8.27
N MET B 201 9.46 27.23 -8.20
CA MET B 201 9.21 25.91 -8.74
C MET B 201 9.39 25.87 -10.26
N LEU B 202 9.04 26.95 -10.93
CA LEU B 202 9.10 27.01 -12.40
C LEU B 202 10.42 27.55 -12.98
N ALA B 203 11.27 28.19 -12.15
CA ALA B 203 12.50 28.80 -12.65
C ALA B 203 13.76 28.44 -11.87
N GLY B 204 13.58 27.86 -10.67
CA GLY B 204 14.72 27.44 -9.85
C GLY B 204 15.55 28.61 -9.33
N GLU B 205 14.92 29.77 -9.22
CA GLU B 205 15.56 30.92 -8.60
C GLU B 205 14.50 31.85 -8.06
N LEU B 206 14.91 32.67 -7.09
CA LEU B 206 13.99 33.67 -6.51
C LEU B 206 14.13 34.97 -7.28
N PRO B 207 13.00 35.66 -7.50
CA PRO B 207 13.07 36.86 -8.35
C PRO B 207 13.82 38.06 -7.77
N TRP B 208 13.79 38.23 -6.46
CA TRP B 208 14.41 39.39 -5.82
C TRP B 208 14.76 39.11 -4.36
N ASP B 209 15.72 39.87 -3.82
CA ASP B 209 16.06 39.74 -2.40
C ASP B 209 14.91 40.22 -1.51
N GLN B 210 14.17 41.22 -1.97
CA GLN B 210 12.99 41.74 -1.30
C GLN B 210 12.22 42.67 -2.25
N PRO B 211 10.89 42.81 -2.04
CA PRO B 211 10.05 43.57 -2.95
C PRO B 211 10.04 45.07 -2.61
N SER B 212 11.22 45.69 -2.68
CA SER B 212 11.34 47.12 -2.41
C SER B 212 11.80 47.84 -3.67
N ASP B 213 11.43 49.11 -3.77
CA ASP B 213 11.79 49.93 -4.93
C ASP B 213 13.31 50.13 -5.06
N SER B 214 14.04 49.90 -3.95
CA SER B 214 15.51 49.88 -3.98
C SER B 214 16.11 48.60 -4.57
N CYS B 215 15.29 47.56 -4.75
CA CYS B 215 15.76 46.31 -5.32
C CYS B 215 15.53 46.33 -6.84
N GLN B 216 16.62 46.29 -7.61
CA GLN B 216 16.53 46.44 -9.06
C GLN B 216 15.64 45.40 -9.73
N GLU B 217 15.76 44.16 -9.29
CA GLU B 217 14.99 43.06 -9.89
C GLU B 217 13.48 43.24 -9.68
N TYR B 218 13.10 43.82 -8.54
CA TYR B 218 11.69 44.13 -8.29
C TYR B 218 11.22 45.31 -9.15
N SER B 219 12.06 46.34 -9.26
CA SER B 219 11.76 47.42 -10.22
C SER B 219 11.55 46.91 -11.64
N ASP B 220 12.42 46.00 -12.08
CA ASP B 220 12.36 45.44 -13.44
C ASP B 220 11.02 44.74 -13.67
N TRP B 221 10.56 43.98 -12.66
CA TRP B 221 9.26 43.29 -12.75
C TRP B 221 8.10 44.29 -12.85
N LYS B 222 8.13 45.33 -12.02
CA LYS B 222 7.10 46.36 -12.08
C LYS B 222 7.05 47.05 -13.47
N GLU B 223 8.22 47.12 -14.10
CA GLU B 223 8.37 47.65 -15.47
C GLU B 223 8.08 46.61 -16.58
N LYS B 224 7.65 45.43 -16.17
CA LYS B 224 7.22 44.36 -17.09
C LYS B 224 8.35 43.84 -18.00
N LYS B 225 9.57 43.83 -17.48
CA LYS B 225 10.74 43.31 -18.19
C LYS B 225 10.82 41.79 -18.08
N THR B 226 9.84 41.11 -18.65
CA THR B 226 9.71 39.66 -18.54
C THR B 226 10.62 38.91 -19.52
N TYR B 227 11.36 39.65 -20.36
CA TYR B 227 12.41 39.07 -21.18
C TYR B 227 13.66 38.74 -20.35
N LEU B 228 13.69 39.17 -19.09
CA LEU B 228 14.76 38.84 -18.14
C LEU B 228 14.44 37.61 -17.28
N ASN B 229 15.46 37.01 -16.68
CA ASN B 229 15.30 35.93 -15.71
C ASN B 229 14.72 36.48 -14.39
N PRO B 230 13.89 35.70 -13.69
CA PRO B 230 13.49 34.32 -13.94
C PRO B 230 12.38 34.16 -14.98
N TRP B 231 11.75 35.26 -15.37
CA TRP B 231 10.45 35.24 -16.06
C TRP B 231 10.59 34.62 -17.46
N LYS B 232 11.73 34.84 -18.11
CA LYS B 232 11.92 34.30 -19.46
C LYS B 232 11.96 32.75 -19.50
N LYS B 233 12.16 32.12 -18.33
CA LYS B 233 12.14 30.66 -18.23
C LYS B 233 10.73 30.07 -18.05
N ILE B 234 9.74 30.94 -17.87
CA ILE B 234 8.39 30.52 -17.49
C ILE B 234 7.44 30.67 -18.69
N ASP B 235 6.67 29.62 -18.94
CA ASP B 235 5.71 29.62 -20.03
C ASP B 235 4.66 30.72 -19.85
N SER B 236 4.15 31.21 -20.99
CA SER B 236 3.21 32.34 -20.98
C SER B 236 2.01 32.12 -20.06
N ALA B 237 1.49 30.90 -20.01
CA ALA B 237 0.30 30.61 -19.22
C ALA B 237 0.54 30.76 -17.68
N PRO B 238 1.53 30.02 -17.10
CA PRO B 238 1.78 30.29 -15.66
C PRO B 238 2.29 31.69 -15.41
N LEU B 239 3.01 32.26 -16.37
CA LEU B 239 3.48 33.64 -16.21
C LEU B 239 2.31 34.62 -16.09
N ALA B 240 1.24 34.39 -16.87
CA ALA B 240 0.02 35.20 -16.77
C ALA B 240 -0.60 35.13 -15.37
N LEU B 241 -0.60 33.95 -14.77
CA LEU B 241 -1.02 33.80 -13.37
C LEU B 241 -0.12 34.58 -12.39
N LEU B 242 1.20 34.46 -12.57
CA LEU B 242 2.15 35.23 -11.75
C LEU B 242 1.94 36.75 -11.88
N HIS B 243 1.62 37.22 -13.07
CA HIS B 243 1.28 38.64 -13.25
C HIS B 243 0.08 39.10 -12.41
N LYS B 244 -0.85 38.20 -12.11
CA LYS B 244 -2.04 38.50 -11.29
C LYS B 244 -1.79 38.35 -9.78
N ILE B 245 -0.84 37.49 -9.42
CA ILE B 245 -0.47 37.28 -8.01
C ILE B 245 0.52 38.33 -7.51
N LEU B 246 1.54 38.60 -8.31
CA LEU B 246 2.63 39.50 -7.89
C LEU B 246 2.34 40.95 -8.25
N VAL B 247 1.17 41.39 -7.77
CA VAL B 247 0.65 42.75 -7.96
C VAL B 247 0.96 43.54 -6.70
N GLU B 248 1.56 44.71 -6.86
CA GLU B 248 2.03 45.48 -5.70
C GLU B 248 0.91 45.89 -4.74
N ASN B 249 -0.19 46.39 -5.29
CA ASN B 249 -1.33 46.81 -4.48
C ASN B 249 -2.15 45.60 -4.02
N PRO B 250 -2.14 45.31 -2.70
CA PRO B 250 -2.85 44.09 -2.26
C PRO B 250 -4.35 44.10 -2.54
N SER B 251 -4.95 45.28 -2.70
CA SER B 251 -6.37 45.36 -3.03
C SER B 251 -6.69 44.93 -4.46
N ALA B 252 -5.70 45.06 -5.35
CA ALA B 252 -5.83 44.69 -6.76
C ALA B 252 -5.29 43.29 -7.03
N ARG B 253 -4.61 42.72 -6.03
CA ARG B 253 -4.05 41.36 -6.15
C ARG B 253 -5.14 40.29 -6.26
N ILE B 254 -4.85 39.24 -7.04
CA ILE B 254 -5.82 38.19 -7.26
C ILE B 254 -6.11 37.47 -5.95
N THR B 255 -7.37 37.11 -5.73
CA THR B 255 -7.73 36.31 -4.55
C THR B 255 -7.68 34.83 -4.88
N ILE B 256 -7.75 33.97 -3.87
CA ILE B 256 -7.71 32.53 -4.13
C ILE B 256 -8.92 32.03 -4.94
N PRO B 257 -10.16 32.49 -4.63
CA PRO B 257 -11.26 32.05 -5.53
C PRO B 257 -10.99 32.30 -7.02
N ASP B 258 -10.34 33.42 -7.34
CA ASP B 258 -9.98 33.72 -8.72
C ASP B 258 -8.75 33.01 -9.27
N ILE B 259 -7.75 32.75 -8.42
CA ILE B 259 -6.68 31.79 -8.79
C ILE B 259 -7.26 30.46 -9.27
N LYS B 260 -8.28 29.97 -8.57
CA LYS B 260 -8.89 28.70 -8.93
C LYS B 260 -9.61 28.70 -10.28
N LYS B 261 -9.89 29.88 -10.83
CA LYS B 261 -10.48 30.04 -12.18
C LYS B 261 -9.46 30.37 -13.27
N ASP B 262 -8.20 30.51 -12.89
CA ASP B 262 -7.15 30.88 -13.83
C ASP B 262 -6.97 29.80 -14.90
N ARG B 263 -6.61 30.23 -16.11
CA ARG B 263 -6.45 29.30 -17.24
C ARG B 263 -5.36 28.24 -16.98
N TRP B 264 -4.17 28.68 -16.54
CA TRP B 264 -3.10 27.73 -16.24
C TRP B 264 -3.46 26.79 -15.09
N TYR B 265 -4.04 27.35 -14.03
CA TYR B 265 -4.47 26.54 -12.91
C TYR B 265 -5.37 25.36 -13.33
N ASN B 266 -6.20 25.61 -14.32
CA ASN B 266 -7.15 24.62 -14.83
C ASN B 266 -6.70 23.87 -16.09
N LYS B 267 -5.44 24.05 -16.49
CA LYS B 267 -4.91 23.38 -17.69
C LYS B 267 -4.59 21.89 -17.39
N PRO B 268 -5.17 20.95 -18.16
CA PRO B 268 -4.75 19.56 -17.89
C PRO B 268 -3.30 19.33 -18.34
N LEU B 269 -2.45 18.90 -17.41
CA LEU B 269 -1.02 18.75 -17.66
C LEU B 269 -0.47 17.40 -17.26
N LYS B 270 -1.06 16.77 -16.25
CA LYS B 270 -0.43 15.61 -15.60
C LYS B 270 -1.37 14.42 -15.53
N LYS B 271 -0.86 13.26 -15.95
CA LYS B 271 -1.61 12.03 -15.89
C LYS B 271 -1.73 11.63 -14.42
N GLY B 272 -2.68 10.73 -14.13
CA GLY B 272 -2.92 10.28 -12.76
C GLY B 272 -1.71 9.70 -12.06
N ALA B 273 -1.71 9.84 -10.72
CA ALA B 273 -0.60 9.36 -9.89
C ALA B 273 -0.55 7.83 -9.82
O2 3DW C . 0.91 -18.24 -5.44
C22 3DW C . 0.52 -18.29 -6.64
O1 3DW C . 1.12 -18.96 -7.51
C9 3DW C . -0.70 -17.53 -7.04
N3 3DW C . -1.10 -17.62 -8.33
C10 3DW C . -2.20 -16.97 -8.78
C7 3DW C . -2.94 -16.19 -7.91
N2 3DW C . -4.07 -15.44 -8.04
C2 3DW C . -4.38 -14.87 -6.86
C8 3DW C . -1.42 -16.75 -6.11
C6 3DW C . -2.56 -16.08 -6.59
C1 3DW C . -3.45 -15.26 -5.94
C5 3DW C . -3.55 -14.83 -4.60
C4 3DW C . -4.63 -13.99 -4.27
C3 3DW C . -5.55 -13.64 -5.28
N1 3DW C . -5.42 -14.07 -6.56
C11 3DW C . -4.87 -13.47 -2.88
C16 3DW C . -4.34 -14.14 -1.78
C15 3DW C . -4.56 -13.70 -0.46
C14 3DW C . -5.34 -12.56 -0.23
C13 3DW C . -5.89 -11.90 -1.33
C12 3DW C . -5.67 -12.35 -2.63
N4 3DW C . -5.55 -12.13 1.06
C20 3DW C . -6.70 -11.25 1.30
C19 3DW C . -7.00 -11.15 2.79
N5 3DW C . -5.77 -10.83 3.54
C21 3DW C . -6.06 -10.64 4.98
C18 3DW C . -4.81 -11.92 3.34
C17 3DW C . -4.36 -11.93 1.89
O2 3DW D . 9.43 22.67 11.18
C22 3DW D . 8.39 22.11 11.57
O1 3DW D . 7.55 22.65 12.31
C9 3DW D . 8.14 20.69 11.14
N3 3DW D . 6.98 20.13 11.57
C10 3DW D . 6.66 18.87 11.23
C7 3DW D . 7.53 18.14 10.43
N2 3DW D . 7.46 16.87 9.90
C2 3DW D . 8.57 16.66 9.16
C8 3DW D . 9.05 20.00 10.33
C6 3DW D . 8.71 18.69 9.98
C1 3DW D . 9.37 17.77 9.20
C5 3DW D . 10.58 17.80 8.48
C4 3DW D . 10.92 16.64 7.74
C3 3DW D . 10.03 15.55 7.78
N1 3DW D . 8.90 15.55 8.47
C11 3DW D . 12.16 16.54 6.91
C16 3DW D . 12.79 17.71 6.50
C15 3DW D . 13.95 17.69 5.72
C14 3DW D . 14.48 16.48 5.29
C13 3DW D . 13.83 15.29 5.68
C12 3DW D . 12.68 15.32 6.46
N4 3DW D . 15.62 16.48 4.54
C20 3DW D . 16.06 15.23 3.92
C19 3DW D . 17.17 15.51 2.91
N5 3DW D . 18.25 16.34 3.49
C21 3DW D . 19.29 16.60 2.48
C18 3DW D . 17.68 17.61 3.95
C17 3DW D . 16.71 17.31 5.08
#